data_2LO8
#
_entry.id   2LO8
#
_entity_poly.entity_id   1
_entity_poly.type   'polydeoxyribonucleotide'
_entity_poly.pdbx_seq_one_letter_code
;(DG)(DC)(DC)(DG)(DC)(DA)(DG)(DT)(DG)(DC)
;
_entity_poly.pdbx_strand_id   A
#